data_4YPZ
#
_entry.id   4YPZ
#
_cell.length_a   93.773
_cell.length_b   93.773
_cell.length_c   179.162
_cell.angle_alpha   90.000
_cell.angle_beta   90.000
_cell.angle_gamma   120.000
#
_symmetry.space_group_name_H-M   'H 3 2'
#
loop_
_entity.id
_entity.type
_entity.pdbx_description
1 polymer 'tRNA (guanine-N(1)-)-methyltransferase'
2 non-polymer 4-(1H-imidazol-2-yl)pyridine
3 water water
#
_entity_poly.entity_id   1
_entity_poly.type   'polypeptide(L)'
_entity_poly.pdbx_seq_one_letter_code
;GLVPRGSHMWIGVISLFPEMFKAITEFGVTGRAVKHNLLKVECWNPRDFTFDKHKTVDDRPYGGGPGMLMMVQPLRDAIH
TAKAAAGEGAKVIYLSPQGRKLDQGGVTELAQNQKLILVCGRYEGIDERLIQTEIDEEWSIGDYVLTGGELPAMTLIDAV
ARFIPGVLGKQASAEEDSFADGLLDCPHYTRPEVLEGLTVPPVLMSGHHEEIRKWRLKQSLQRTWLRRPELLEGLALTDE
QRKLLKEAQAEHNS
;
_entity_poly.pdbx_strand_id   A
#
# COMPACT_ATOMS: atom_id res chain seq x y z
N SER A 7 3.99 -18.70 4.30
CA SER A 7 3.80 -17.90 5.50
C SER A 7 2.48 -17.11 5.48
N HIS A 8 1.45 -17.72 6.06
CA HIS A 8 0.13 -17.11 6.23
C HIS A 8 0.25 -15.69 6.78
N MET A 9 -0.63 -14.80 6.32
CA MET A 9 -0.74 -13.49 6.93
C MET A 9 -2.18 -13.31 7.37
N TRP A 10 -2.36 -12.76 8.57
CA TRP A 10 -3.70 -12.47 9.07
C TRP A 10 -3.85 -10.97 9.26
N ILE A 11 -4.89 -10.40 8.68
CA ILE A 11 -5.14 -8.98 8.86
C ILE A 11 -6.55 -8.74 9.36
N GLY A 12 -6.64 -8.17 10.56
CA GLY A 12 -7.91 -7.77 11.13
C GLY A 12 -8.18 -6.33 10.71
N VAL A 13 -9.43 -6.02 10.40
CA VAL A 13 -9.78 -4.68 9.91
C VAL A 13 -10.93 -4.13 10.75
N ILE A 14 -10.82 -2.88 11.18
CA ILE A 14 -11.91 -2.21 11.88
C ILE A 14 -12.46 -1.13 10.95
N SER A 15 -13.73 -1.23 10.56
CA SER A 15 -14.28 -0.34 9.53
C SER A 15 -15.80 -0.28 9.60
N LEU A 16 -16.34 0.92 9.43
CA LEU A 16 -17.78 1.10 9.31
C LEU A 16 -18.34 0.62 7.95
N PHE A 17 -17.45 0.31 7.02
CA PHE A 17 -17.87 -0.14 5.69
C PHE A 17 -17.11 -1.40 5.28
N PRO A 18 -17.30 -2.49 6.02
CA PRO A 18 -16.56 -3.73 5.76
C PRO A 18 -16.75 -4.27 4.33
N GLU A 19 -17.90 -4.02 3.71
CA GLU A 19 -18.12 -4.57 2.37
C GLU A 19 -17.19 -3.94 1.32
N MET A 20 -16.60 -2.78 1.61
CA MET A 20 -15.61 -2.22 0.68
C MET A 20 -14.46 -3.20 0.44
N PHE A 21 -14.14 -3.99 1.46
CA PHE A 21 -12.98 -4.87 1.38
C PHE A 21 -13.18 -6.06 0.44
N LYS A 22 -14.42 -6.29 0.01
CA LYS A 22 -14.65 -7.26 -1.06
C LYS A 22 -13.80 -6.93 -2.30
N ALA A 23 -13.47 -5.65 -2.48
CA ALA A 23 -12.68 -5.23 -3.63
C ALA A 23 -11.31 -5.91 -3.63
N ILE A 24 -10.75 -6.18 -2.45
CA ILE A 24 -9.49 -6.91 -2.48
C ILE A 24 -9.69 -8.40 -2.17
N THR A 25 -10.72 -8.77 -1.40
CA THR A 25 -10.82 -10.19 -1.03
C THR A 25 -11.47 -11.06 -2.11
N GLU A 26 -12.16 -10.45 -3.07
CA GLU A 26 -12.89 -11.25 -4.06
C GLU A 26 -12.31 -11.19 -5.48
N PHE A 27 -11.28 -10.38 -5.70
CA PHE A 27 -10.74 -10.16 -7.05
C PHE A 27 -9.23 -10.18 -7.15
N GLY A 28 -8.75 -10.66 -8.30
CA GLY A 28 -7.36 -10.54 -8.67
C GLY A 28 -6.40 -11.32 -7.79
N VAL A 29 -5.20 -10.78 -7.67
CA VAL A 29 -4.10 -11.43 -6.97
C VAL A 29 -4.42 -11.60 -5.50
N THR A 30 -4.95 -10.55 -4.87
CA THR A 30 -5.31 -10.62 -3.45
C THR A 30 -6.49 -11.56 -3.24
N GLY A 31 -7.41 -11.59 -4.22
CA GLY A 31 -8.56 -12.48 -4.14
C GLY A 31 -8.10 -13.93 -4.15
N ARG A 32 -7.13 -14.22 -4.99
CA ARG A 32 -6.57 -15.56 -5.05
CA ARG A 32 -6.55 -15.56 -5.05
C ARG A 32 -5.87 -15.91 -3.73
N ALA A 33 -5.14 -14.95 -3.18
CA ALA A 33 -4.43 -15.17 -1.91
C ALA A 33 -5.42 -15.55 -0.80
N VAL A 34 -6.56 -14.87 -0.78
CA VAL A 34 -7.60 -15.17 0.21
C VAL A 34 -8.21 -16.56 -0.02
N LYS A 35 -8.59 -16.83 -1.27
CA LYS A 35 -9.15 -18.15 -1.59
C LYS A 35 -8.21 -19.30 -1.23
N HIS A 36 -6.90 -19.10 -1.44
CA HIS A 36 -5.92 -20.14 -1.18
C HIS A 36 -5.41 -20.15 0.28
N ASN A 37 -6.06 -19.36 1.12
CA ASN A 37 -5.71 -19.26 2.54
C ASN A 37 -4.28 -18.77 2.80
N LEU A 38 -3.75 -17.98 1.88
CA LEU A 38 -2.42 -17.41 2.09
C LEU A 38 -2.59 -16.14 2.92
N LEU A 39 -3.72 -15.49 2.69
CA LEU A 39 -4.06 -14.24 3.35
C LEU A 39 -5.45 -14.39 3.93
N LYS A 40 -5.62 -13.99 5.19
CA LYS A 40 -6.95 -13.93 5.77
C LYS A 40 -7.24 -12.50 6.16
N VAL A 41 -8.41 -12.01 5.77
CA VAL A 41 -8.84 -10.66 6.13
C VAL A 41 -10.15 -10.80 6.90
N GLU A 42 -10.16 -10.28 8.13
CA GLU A 42 -11.33 -10.40 9.01
C GLU A 42 -11.76 -8.99 9.42
N CYS A 43 -13.04 -8.66 9.24
CA CYS A 43 -13.49 -7.30 9.54
C CYS A 43 -14.44 -7.24 10.74
N TRP A 44 -14.28 -6.21 11.56
CA TRP A 44 -15.23 -5.89 12.62
C TRP A 44 -15.76 -4.48 12.38
N ASN A 45 -17.07 -4.32 12.53
CA ASN A 45 -17.75 -3.05 12.29
C ASN A 45 -18.19 -2.43 13.63
N PRO A 46 -17.65 -1.25 13.98
CA PRO A 46 -18.07 -0.58 15.22
C PRO A 46 -19.60 -0.49 15.35
N ARG A 47 -20.32 -0.40 14.24
CA ARG A 47 -21.78 -0.36 14.29
C ARG A 47 -22.34 -1.56 15.04
N ASP A 48 -21.65 -2.70 14.95
CA ASP A 48 -22.14 -3.90 15.62
C ASP A 48 -21.90 -3.90 17.14
N PHE A 49 -21.13 -2.92 17.61
CA PHE A 49 -20.80 -2.83 19.04
C PHE A 49 -21.53 -1.69 19.72
N THR A 50 -22.51 -1.11 19.01
CA THR A 50 -23.37 -0.08 19.60
C THR A 50 -24.49 -0.71 20.42
N PHE A 51 -25.07 0.06 21.33
CA PHE A 51 -26.18 -0.44 22.15
C PHE A 51 -27.44 0.41 22.03
N ASP A 52 -27.35 1.56 21.37
CA ASP A 52 -28.55 2.39 21.29
C ASP A 52 -29.37 1.98 20.07
N LYS A 53 -30.63 2.38 20.07
CA LYS A 53 -31.60 1.98 19.05
C LYS A 53 -31.13 2.32 17.63
N HIS A 54 -30.47 3.46 17.48
CA HIS A 54 -30.08 3.91 16.16
C HIS A 54 -28.64 3.61 15.80
N LYS A 55 -27.98 2.79 16.62
CA LYS A 55 -26.64 2.29 16.31
C LYS A 55 -25.67 3.43 15.96
N THR A 56 -25.56 4.37 16.90
CA THR A 56 -24.80 5.60 16.67
C THR A 56 -23.31 5.35 16.75
N VAL A 57 -22.58 5.77 15.71
CA VAL A 57 -21.14 5.51 15.66
C VAL A 57 -20.30 6.79 15.61
N ASP A 58 -20.94 7.95 15.66
CA ASP A 58 -20.19 9.20 15.64
C ASP A 58 -20.51 9.98 16.91
N ASP A 59 -19.72 11.02 17.19
CA ASP A 59 -19.91 11.80 18.43
C ASP A 59 -19.29 13.17 18.21
N ARG A 60 -19.72 14.14 19.01
CA ARG A 60 -19.30 15.53 18.85
C ARG A 60 -17.92 15.78 19.47
N PRO A 61 -17.10 16.58 18.79
CA PRO A 61 -15.78 16.89 19.36
C PRO A 61 -15.87 17.90 20.49
N TYR A 62 -15.13 17.66 21.59
CA TYR A 62 -14.96 18.71 22.58
C TYR A 62 -14.31 19.93 21.95
N GLY A 63 -14.78 21.11 22.31
CA GLY A 63 -14.22 22.35 21.77
C GLY A 63 -15.01 22.85 20.59
N GLY A 64 -15.99 22.07 20.18
CA GLY A 64 -16.89 22.44 19.11
C GLY A 64 -16.24 22.41 17.74
N GLY A 65 -16.79 23.19 16.83
CA GLY A 65 -16.31 23.21 15.47
C GLY A 65 -17.12 22.27 14.62
N PRO A 66 -16.92 22.33 13.30
CA PRO A 66 -17.71 21.47 12.43
C PRO A 66 -17.20 20.06 12.50
N GLY A 67 -17.97 19.12 11.98
CA GLY A 67 -17.49 17.77 11.88
C GLY A 67 -17.69 16.95 13.15
N MET A 68 -17.60 15.64 12.96
CA MET A 68 -17.82 14.69 14.02
C MET A 68 -16.56 13.84 14.17
N LEU A 69 -16.49 13.09 15.25
CA LEU A 69 -15.47 12.07 15.41
C LEU A 69 -16.11 10.70 15.50
N MET A 70 -15.32 9.65 15.34
CA MET A 70 -15.86 8.35 15.64
CA MET A 70 -15.76 8.30 15.66
C MET A 70 -16.14 8.23 17.14
N MET A 71 -17.29 7.64 17.45
CA MET A 71 -17.66 7.49 18.86
C MET A 71 -16.70 6.48 19.52
N VAL A 72 -16.25 6.82 20.72
CA VAL A 72 -15.20 6.04 21.36
C VAL A 72 -15.63 4.63 21.73
N GLN A 73 -16.76 4.47 22.42
CA GLN A 73 -17.09 3.14 22.97
C GLN A 73 -17.26 2.02 21.90
N PRO A 74 -18.03 2.27 20.81
CA PRO A 74 -18.16 1.20 19.81
C PRO A 74 -16.83 0.89 19.11
N LEU A 75 -16.02 1.92 18.88
CA LEU A 75 -14.75 1.72 18.21
C LEU A 75 -13.76 1.00 19.12
N ARG A 76 -13.70 1.43 20.38
CA ARG A 76 -12.83 0.78 21.37
C ARG A 76 -13.20 -0.70 21.51
N ASP A 77 -14.50 -0.98 21.60
CA ASP A 77 -14.95 -2.36 21.78
C ASP A 77 -14.62 -3.21 20.54
N ALA A 78 -14.75 -2.63 19.35
CA ALA A 78 -14.41 -3.36 18.11
C ALA A 78 -12.92 -3.69 18.10
N ILE A 79 -12.10 -2.71 18.43
CA ILE A 79 -10.66 -2.92 18.48
C ILE A 79 -10.30 -4.02 19.49
N HIS A 80 -10.91 -4.00 20.66
CA HIS A 80 -10.60 -5.01 21.67
C HIS A 80 -10.97 -6.40 21.17
N THR A 81 -12.06 -6.48 20.43
CA THR A 81 -12.51 -7.77 19.91
C THR A 81 -11.53 -8.29 18.87
N ALA A 82 -11.06 -7.40 17.99
CA ALA A 82 -10.05 -7.75 17.00
C ALA A 82 -8.75 -8.22 17.66
N LYS A 83 -8.33 -7.53 18.72
CA LYS A 83 -7.09 -7.92 19.42
C LYS A 83 -7.24 -9.30 20.03
N ALA A 84 -8.43 -9.58 20.56
CA ALA A 84 -8.66 -10.89 21.17
C ALA A 84 -8.59 -12.00 20.13
N ALA A 85 -9.12 -11.73 18.95
CA ALA A 85 -9.10 -12.69 17.86
C ALA A 85 -7.68 -12.91 17.33
N ALA A 86 -6.87 -11.84 17.34
CA ALA A 86 -5.52 -11.91 16.80
C ALA A 86 -4.60 -12.74 17.69
N GLY A 87 -4.85 -12.72 18.99
CA GLY A 87 -3.97 -13.36 19.93
C GLY A 87 -2.70 -12.54 20.03
N GLU A 88 -1.60 -13.18 20.40
CA GLU A 88 -0.36 -12.48 20.69
C GLU A 88 0.36 -11.99 19.43
N GLY A 89 0.97 -10.82 19.52
CA GLY A 89 1.90 -10.35 18.50
C GLY A 89 1.34 -9.53 17.35
N ALA A 90 0.06 -9.15 17.42
CA ALA A 90 -0.52 -8.33 16.36
C ALA A 90 -0.16 -6.87 16.55
N LYS A 91 0.32 -6.24 15.48
CA LYS A 91 0.60 -4.81 15.49
C LYS A 91 -0.65 -4.07 15.06
N VAL A 92 -1.04 -3.05 15.83
CA VAL A 92 -2.26 -2.30 15.53
C VAL A 92 -1.90 -1.00 14.82
N ILE A 93 -2.43 -0.85 13.61
CA ILE A 93 -2.11 0.30 12.79
CA ILE A 93 -2.12 0.28 12.75
C ILE A 93 -3.33 1.19 12.57
N TYR A 94 -3.13 2.50 12.77
CA TYR A 94 -4.18 3.46 12.45
C TYR A 94 -3.84 4.11 11.11
N LEU A 95 -4.71 3.96 10.10
CA LEU A 95 -4.47 4.63 8.83
C LEU A 95 -4.80 6.12 9.01
N SER A 96 -3.79 6.97 8.87
CA SER A 96 -3.98 8.36 9.25
C SER A 96 -3.12 9.32 8.44
N PRO A 97 -3.68 10.48 8.08
CA PRO A 97 -2.90 11.51 7.37
C PRO A 97 -1.73 12.01 8.23
N GLN A 98 -1.82 11.83 9.54
CA GLN A 98 -0.76 12.27 10.44
C GLN A 98 0.27 11.17 10.65
N GLY A 99 0.14 10.08 9.91
CA GLY A 99 1.05 8.96 10.08
C GLY A 99 2.33 9.04 9.28
N ARG A 100 3.21 8.07 9.52
CA ARG A 100 4.43 7.89 8.75
C ARG A 100 4.08 7.65 7.29
N LYS A 101 4.79 8.31 6.39
CA LYS A 101 4.50 8.18 4.98
C LYS A 101 4.90 6.80 4.47
N LEU A 102 3.92 6.07 3.93
CA LEU A 102 4.20 4.76 3.35
C LEU A 102 5.04 4.84 2.07
N ASP A 103 6.12 4.06 2.03
CA ASP A 103 6.83 3.79 0.77
C ASP A 103 7.22 2.32 0.77
N GLN A 104 7.97 1.87 -0.23
CA GLN A 104 8.20 0.44 -0.36
C GLN A 104 9.05 -0.10 0.80
N GLY A 105 9.97 0.72 1.31
CA GLY A 105 10.72 0.36 2.50
C GLY A 105 9.78 0.11 3.68
N GLY A 106 8.79 0.96 3.85
CA GLY A 106 7.80 0.82 4.90
C GLY A 106 6.94 -0.42 4.68
N VAL A 107 6.57 -0.68 3.43
CA VAL A 107 5.80 -1.88 3.11
C VAL A 107 6.57 -3.14 3.53
N THR A 108 7.85 -3.20 3.17
CA THR A 108 8.68 -4.36 3.51
C THR A 108 8.74 -4.52 5.03
N GLU A 109 8.82 -3.41 5.74
CA GLU A 109 8.84 -3.45 7.20
CA GLU A 109 8.83 -3.43 7.20
C GLU A 109 7.53 -3.99 7.76
N LEU A 110 6.40 -3.47 7.29
CA LEU A 110 5.09 -3.94 7.77
C LEU A 110 4.85 -5.40 7.38
N ALA A 111 5.40 -5.82 6.24
CA ALA A 111 5.19 -7.18 5.76
C ALA A 111 5.90 -8.23 6.63
N GLN A 112 6.80 -7.81 7.52
CA GLN A 112 7.47 -8.76 8.42
C GLN A 112 6.53 -9.27 9.52
N ASN A 113 5.38 -8.62 9.67
CA ASN A 113 4.38 -9.03 10.65
C ASN A 113 3.44 -10.10 10.14
N GLN A 114 3.23 -11.13 10.94
CA GLN A 114 2.32 -12.21 10.55
C GLN A 114 0.88 -11.80 10.84
N LYS A 115 0.71 -10.85 11.76
CA LYS A 115 -0.61 -10.36 12.14
C LYS A 115 -0.62 -8.84 12.21
N LEU A 116 -1.63 -8.26 11.58
CA LEU A 116 -1.83 -6.81 11.61
C LEU A 116 -3.29 -6.54 11.92
N ILE A 117 -3.55 -5.44 12.64
CA ILE A 117 -4.91 -4.94 12.78
C ILE A 117 -4.93 -3.53 12.23
N LEU A 118 -5.82 -3.28 11.28
CA LEU A 118 -5.87 -1.99 10.61
C LEU A 118 -7.12 -1.25 11.04
N VAL A 119 -6.94 -0.06 11.61
CA VAL A 119 -8.10 0.71 12.05
C VAL A 119 -8.40 1.82 11.03
N CYS A 120 -9.63 1.86 10.51
CA CYS A 120 -10.01 2.80 9.48
C CYS A 120 -10.88 3.89 10.04
N GLY A 121 -10.43 5.13 9.95
CA GLY A 121 -11.21 6.22 10.52
C GLY A 121 -12.17 6.80 9.51
N ARG A 122 -13.24 7.42 10.00
CA ARG A 122 -14.19 8.16 9.20
C ARG A 122 -14.41 9.50 9.91
N TYR A 123 -15.19 10.40 9.31
CA TYR A 123 -15.42 11.74 9.87
C TYR A 123 -14.09 12.47 10.08
N GLU A 124 -13.94 13.20 11.18
CA GLU A 124 -12.70 13.94 11.43
C GLU A 124 -11.67 13.08 12.16
N GLY A 125 -11.95 11.80 12.31
CA GLY A 125 -10.98 10.86 12.82
C GLY A 125 -11.35 10.27 14.16
N ILE A 126 -10.35 9.91 14.95
CA ILE A 126 -10.61 9.23 16.22
C ILE A 126 -9.99 10.01 17.37
N ASP A 127 -10.51 9.75 18.57
CA ASP A 127 -10.06 10.41 19.79
C ASP A 127 -8.57 10.18 20.02
N GLU A 128 -7.84 11.25 20.27
CA GLU A 128 -6.39 11.18 20.44
C GLU A 128 -5.97 10.19 21.54
N ARG A 129 -6.79 10.05 22.58
CA ARG A 129 -6.44 9.16 23.68
C ARG A 129 -6.57 7.70 23.25
N LEU A 130 -7.44 7.39 22.29
CA LEU A 130 -7.51 6.04 21.74
C LEU A 130 -6.26 5.72 20.94
N ILE A 131 -5.71 6.72 20.25
CA ILE A 131 -4.47 6.50 19.54
C ILE A 131 -3.38 6.15 20.56
N GLN A 132 -3.32 6.92 21.64
CA GLN A 132 -2.34 6.66 22.68
C GLN A 132 -2.49 5.28 23.32
N THR A 133 -3.74 4.85 23.56
CA THR A 133 -3.96 3.64 24.35
C THR A 133 -4.11 2.37 23.49
N GLU A 134 -4.48 2.50 22.23
CA GLU A 134 -4.80 1.31 21.43
C GLU A 134 -3.94 1.13 20.19
N ILE A 135 -3.32 2.20 19.71
CA ILE A 135 -2.63 2.15 18.42
C ILE A 135 -1.12 2.02 18.58
N ASP A 136 -0.51 1.12 17.83
CA ASP A 136 0.94 0.96 17.87
C ASP A 136 1.64 1.94 16.93
N GLU A 137 1.15 2.02 15.70
CA GLU A 137 1.76 2.87 14.69
C GLU A 137 0.71 3.59 13.84
N GLU A 138 0.99 4.84 13.49
CA GLU A 138 0.18 5.56 12.51
C GLU A 138 0.89 5.60 11.15
N TRP A 139 0.17 5.27 10.09
CA TRP A 139 0.72 5.27 8.73
C TRP A 139 -0.19 6.02 7.76
N SER A 140 0.41 6.82 6.88
CA SER A 140 -0.30 7.51 5.80
C SER A 140 0.10 6.95 4.45
N ILE A 141 -0.85 6.78 3.53
CA ILE A 141 -0.49 6.32 2.18
C ILE A 141 -0.11 7.47 1.26
N GLY A 142 -0.34 8.70 1.69
CA GLY A 142 0.05 9.84 0.89
C GLY A 142 -0.48 11.16 1.39
N ASP A 143 0.12 12.23 0.90
CA ASP A 143 -0.27 13.58 1.31
C ASP A 143 -1.41 14.11 0.45
N TYR A 144 -2.52 13.40 0.49
CA TYR A 144 -3.77 13.84 -0.12
C TYR A 144 -4.92 13.49 0.82
N VAL A 145 -6.04 14.20 0.66
CA VAL A 145 -7.15 14.06 1.60
C VAL A 145 -8.23 13.14 1.06
N LEU A 146 -8.59 12.13 1.86
CA LEU A 146 -9.59 11.14 1.48
C LEU A 146 -10.79 11.18 2.43
N THR A 147 -11.84 10.43 2.11
CA THR A 147 -13.07 10.46 2.92
C THR A 147 -13.06 9.43 4.04
N GLY A 148 -12.08 8.53 4.04
CA GLY A 148 -12.00 7.54 5.08
C GLY A 148 -10.73 6.72 4.98
N GLY A 149 -10.45 5.92 5.99
CA GLY A 149 -9.24 5.10 5.99
C GLY A 149 -9.33 3.78 5.23
N GLU A 150 -10.48 3.48 4.65
CA GLU A 150 -10.65 2.18 4.00
C GLU A 150 -9.77 1.98 2.76
N LEU A 151 -9.75 2.95 1.85
CA LEU A 151 -8.91 2.80 0.66
C LEU A 151 -7.42 2.73 1.05
N PRO A 152 -6.97 3.56 2.02
CA PRO A 152 -5.59 3.35 2.49
C PRO A 152 -5.32 1.95 3.08
N ALA A 153 -6.25 1.43 3.88
CA ALA A 153 -6.08 0.08 4.43
C ALA A 153 -6.01 -0.95 3.30
N MET A 154 -6.88 -0.82 2.30
CA MET A 154 -6.86 -1.79 1.21
CA MET A 154 -6.91 -1.75 1.18
C MET A 154 -5.59 -1.69 0.40
N THR A 155 -5.09 -0.47 0.23
CA THR A 155 -3.84 -0.22 -0.46
C THR A 155 -2.70 -0.89 0.29
N LEU A 156 -2.67 -0.72 1.61
CA LEU A 156 -1.65 -1.34 2.45
CA LEU A 156 -1.63 -1.34 2.42
C LEU A 156 -1.71 -2.86 2.35
N ILE A 157 -2.92 -3.41 2.43
CA ILE A 157 -3.11 -4.87 2.34
C ILE A 157 -2.57 -5.42 1.02
N ASP A 158 -2.92 -4.75 -0.07
CA ASP A 158 -2.45 -5.17 -1.39
C ASP A 158 -0.92 -5.16 -1.44
N ALA A 159 -0.32 -4.11 -0.90
CA ALA A 159 1.13 -3.98 -0.96
C ALA A 159 1.83 -5.05 -0.12
N VAL A 160 1.35 -5.32 1.09
CA VAL A 160 2.04 -6.30 1.93
C VAL A 160 1.74 -7.73 1.46
N ALA A 161 0.57 -7.94 0.83
CA ALA A 161 0.20 -9.25 0.31
C ALA A 161 1.22 -9.78 -0.71
N ARG A 162 1.84 -8.88 -1.47
CA ARG A 162 2.82 -9.28 -2.48
C ARG A 162 4.02 -9.99 -1.86
N PHE A 163 4.21 -9.85 -0.55
CA PHE A 163 5.37 -10.47 0.11
C PHE A 163 5.10 -11.87 0.63
N ILE A 164 3.84 -12.29 0.60
CA ILE A 164 3.48 -13.62 1.07
C ILE A 164 3.91 -14.64 0.05
N PRO A 165 4.66 -15.68 0.49
CA PRO A 165 5.08 -16.72 -0.44
C PRO A 165 3.89 -17.36 -1.15
N GLY A 166 3.99 -17.48 -2.47
CA GLY A 166 2.95 -18.12 -3.26
C GLY A 166 1.91 -17.17 -3.83
N VAL A 167 1.94 -15.92 -3.40
CA VAL A 167 0.93 -14.96 -3.86
C VAL A 167 1.24 -14.49 -5.28
N LEU A 168 2.51 -14.21 -5.56
CA LEU A 168 2.91 -13.79 -6.90
C LEU A 168 3.30 -14.98 -7.77
N ASP A 181 13.94 -2.17 -6.97
CA ASP A 181 15.33 -1.93 -6.61
C ASP A 181 15.59 -0.43 -6.49
N GLY A 182 14.52 0.36 -6.46
CA GLY A 182 14.65 1.80 -6.23
C GLY A 182 14.49 2.65 -7.48
N LEU A 183 14.45 2.01 -8.64
CA LEU A 183 14.35 2.72 -9.92
C LEU A 183 12.96 2.60 -10.56
N LEU A 184 12.61 3.56 -11.40
CA LEU A 184 11.39 3.43 -12.19
C LEU A 184 11.56 2.31 -13.20
N ASP A 185 10.45 1.71 -13.61
CA ASP A 185 10.49 0.60 -14.56
C ASP A 185 10.89 1.06 -15.96
N CYS A 186 11.44 0.15 -16.75
CA CYS A 186 11.73 0.46 -18.15
C CYS A 186 10.44 0.41 -18.97
N PRO A 187 10.43 1.03 -20.16
CA PRO A 187 9.26 0.86 -21.04
C PRO A 187 9.10 -0.58 -21.49
N HIS A 188 7.86 -1.01 -21.69
CA HIS A 188 7.56 -2.37 -22.11
C HIS A 188 6.80 -2.34 -23.43
N TYR A 189 6.98 -3.38 -24.23
CA TYR A 189 6.36 -3.44 -25.57
C TYR A 189 5.80 -4.83 -25.80
N THR A 190 4.64 -4.90 -26.46
CA THR A 190 4.10 -6.18 -26.86
C THR A 190 3.51 -6.01 -28.27
N ARG A 191 2.82 -7.04 -28.76
CA ARG A 191 2.29 -6.99 -30.11
C ARG A 191 1.33 -5.82 -30.24
N PRO A 192 1.27 -5.21 -31.43
CA PRO A 192 1.96 -5.51 -32.69
C PRO A 192 3.33 -4.85 -32.85
N GLU A 193 4.09 -5.28 -33.84
CA GLU A 193 5.42 -4.74 -34.07
C GLU A 193 5.40 -3.24 -34.37
N VAL A 194 4.35 -2.80 -35.05
CA VAL A 194 4.15 -1.39 -35.32
CA VAL A 194 4.15 -1.39 -35.31
C VAL A 194 2.76 -0.95 -34.86
N LEU A 195 2.71 0.13 -34.07
CA LEU A 195 1.47 0.64 -33.50
C LEU A 195 1.38 2.14 -33.75
N GLU A 196 0.40 2.53 -34.57
CA GLU A 196 0.29 3.87 -35.13
C GLU A 196 1.64 4.44 -35.57
N GLY A 197 2.38 3.66 -36.35
CA GLY A 197 3.65 4.11 -36.90
C GLY A 197 4.82 4.00 -35.95
N LEU A 198 4.55 3.69 -34.68
CA LEU A 198 5.60 3.57 -33.68
C LEU A 198 6.12 2.14 -33.60
N THR A 199 7.43 1.98 -33.73
CA THR A 199 8.03 0.67 -33.79
C THR A 199 8.59 0.22 -32.43
N VAL A 200 8.76 -1.09 -32.28
CA VAL A 200 9.43 -1.65 -31.12
C VAL A 200 10.95 -1.49 -31.27
N PRO A 201 11.64 -1.03 -30.21
CA PRO A 201 13.11 -0.96 -30.25
C PRO A 201 13.74 -2.26 -30.72
N PRO A 202 14.54 -2.22 -31.79
CA PRO A 202 15.12 -3.41 -32.41
C PRO A 202 15.86 -4.32 -31.44
N VAL A 203 16.55 -3.75 -30.46
CA VAL A 203 17.25 -4.55 -29.47
C VAL A 203 16.31 -5.58 -28.80
N LEU A 204 15.06 -5.20 -28.56
CA LEU A 204 14.12 -6.11 -27.91
C LEU A 204 13.73 -7.29 -28.81
N MET A 205 13.98 -7.18 -30.12
CA MET A 205 13.68 -8.23 -31.08
CA MET A 205 13.66 -8.26 -31.03
C MET A 205 14.91 -9.08 -31.38
N SER A 206 16.06 -8.65 -30.85
CA SER A 206 17.34 -9.27 -31.20
C SER A 206 17.55 -10.67 -30.64
N GLY A 207 16.94 -10.96 -29.49
CA GLY A 207 17.18 -12.22 -28.81
C GLY A 207 18.48 -12.22 -28.03
N HIS A 208 19.17 -11.09 -28.02
CA HIS A 208 20.40 -10.95 -27.25
C HIS A 208 20.08 -10.61 -25.81
N HIS A 209 20.03 -11.63 -24.96
CA HIS A 209 19.56 -11.48 -23.59
C HIS A 209 20.33 -10.43 -22.79
N GLU A 210 21.65 -10.39 -22.97
CA GLU A 210 22.49 -9.47 -22.22
C GLU A 210 22.33 -8.04 -22.71
N GLU A 211 22.19 -7.87 -24.02
CA GLU A 211 21.94 -6.54 -24.58
C GLU A 211 20.59 -6.04 -24.11
N ILE A 212 19.62 -6.95 -24.01
CA ILE A 212 18.27 -6.58 -23.61
C ILE A 212 18.27 -6.15 -22.15
N ARG A 213 18.97 -6.91 -21.30
CA ARG A 213 19.06 -6.58 -19.88
C ARG A 213 19.66 -5.19 -19.67
N LYS A 214 20.76 -4.91 -20.37
CA LYS A 214 21.45 -3.63 -20.23
C LYS A 214 20.59 -2.47 -20.78
N TRP A 215 19.92 -2.70 -21.90
CA TRP A 215 19.03 -1.67 -22.44
C TRP A 215 17.92 -1.31 -21.43
N ARG A 216 17.28 -2.33 -20.87
CA ARG A 216 16.21 -2.11 -19.89
C ARG A 216 16.71 -1.38 -18.65
N LEU A 217 17.87 -1.77 -18.16
CA LEU A 217 18.45 -1.10 -16.98
C LEU A 217 18.78 0.36 -17.30
N LYS A 218 19.37 0.59 -18.47
CA LYS A 218 19.68 1.95 -18.92
C LYS A 218 18.43 2.82 -19.03
N GLN A 219 17.37 2.28 -19.62
CA GLN A 219 16.09 2.99 -19.71
C GLN A 219 15.52 3.33 -18.33
N SER A 220 15.63 2.39 -17.40
CA SER A 220 15.16 2.60 -16.04
CA SER A 220 15.17 2.59 -16.04
C SER A 220 15.91 3.74 -15.37
N LEU A 221 17.22 3.75 -15.54
CA LEU A 221 18.06 4.80 -14.99
C LEU A 221 17.73 6.14 -15.64
N GLN A 222 17.57 6.15 -16.96
CA GLN A 222 17.22 7.39 -17.65
C GLN A 222 15.87 7.96 -17.20
N ARG A 223 14.87 7.09 -17.11
CA ARG A 223 13.54 7.53 -16.71
CA ARG A 223 13.52 7.51 -16.70
C ARG A 223 13.53 8.03 -15.26
N THR A 224 14.28 7.36 -14.40
CA THR A 224 14.35 7.79 -13.00
C THR A 224 14.98 9.18 -12.91
N TRP A 225 16.09 9.36 -13.62
CA TRP A 225 16.78 10.65 -13.65
C TRP A 225 15.90 11.78 -14.18
N LEU A 226 15.14 11.51 -15.23
CA LEU A 226 14.33 12.55 -15.86
C LEU A 226 13.06 12.87 -15.08
N ARG A 227 12.46 11.84 -14.48
CA ARG A 227 11.15 12.01 -13.86
C ARG A 227 11.20 12.15 -12.35
N ARG A 228 12.10 11.41 -11.72
CA ARG A 228 12.18 11.36 -10.26
C ARG A 228 13.63 11.41 -9.79
N PRO A 229 14.34 12.51 -10.10
CA PRO A 229 15.79 12.51 -9.86
C PRO A 229 16.14 12.39 -8.37
N GLU A 230 15.21 12.78 -7.50
CA GLU A 230 15.45 12.67 -6.06
C GLU A 230 15.61 11.21 -5.63
N LEU A 231 14.99 10.29 -6.35
CA LEU A 231 15.13 8.87 -6.03
C LEU A 231 16.56 8.38 -6.25
N LEU A 232 17.26 8.98 -7.21
CA LEU A 232 18.64 8.58 -7.51
C LEU A 232 19.60 8.91 -6.39
N GLU A 233 19.39 10.08 -5.78
CA GLU A 233 20.27 10.55 -4.72
C GLU A 233 20.26 9.58 -3.52
N GLY A 234 19.21 8.77 -3.43
CA GLY A 234 19.07 7.85 -2.31
C GLY A 234 19.69 6.50 -2.59
N LEU A 235 20.31 6.37 -3.76
CA LEU A 235 20.85 5.08 -4.20
C LEU A 235 22.37 5.09 -4.27
N ALA A 236 22.95 3.93 -3.97
CA ALA A 236 24.36 3.66 -4.18
C ALA A 236 24.48 2.84 -5.46
N LEU A 237 24.58 3.52 -6.58
CA LEU A 237 24.61 2.84 -7.88
C LEU A 237 25.80 1.91 -8.00
N THR A 238 25.57 0.75 -8.64
CA THR A 238 26.65 -0.18 -8.97
C THR A 238 27.51 0.43 -10.08
N ASP A 239 28.69 -0.13 -10.31
CA ASP A 239 29.56 0.35 -11.39
C ASP A 239 28.80 0.32 -12.72
N GLU A 240 28.08 -0.77 -12.97
CA GLU A 240 27.35 -0.89 -14.22
C GLU A 240 26.27 0.18 -14.32
N GLN A 241 25.57 0.41 -13.22
CA GLN A 241 24.51 1.41 -13.23
C GLN A 241 25.07 2.81 -13.44
N ARG A 242 26.23 3.08 -12.83
CA ARG A 242 26.88 4.38 -13.01
C ARG A 242 27.22 4.62 -14.48
N LYS A 243 27.76 3.59 -15.13
CA LYS A 243 28.11 3.67 -16.55
C LYS A 243 26.90 3.92 -17.45
N LEU A 244 25.86 3.11 -17.29
CA LEU A 244 24.67 3.22 -18.12
C LEU A 244 23.95 4.56 -17.89
N LEU A 245 23.93 5.04 -16.64
CA LEU A 245 23.33 6.34 -16.36
C LEU A 245 24.13 7.45 -17.07
N LYS A 246 25.45 7.39 -16.96
CA LYS A 246 26.30 8.34 -17.67
C LYS A 246 26.02 8.32 -19.17
N GLU A 247 25.87 7.13 -19.74
CA GLU A 247 25.57 7.01 -21.17
C GLU A 247 24.22 7.63 -21.51
N ALA A 248 23.21 7.33 -20.69
CA ALA A 248 21.87 7.86 -20.92
C ALA A 248 21.87 9.38 -20.88
N GLN A 249 22.60 9.94 -19.92
CA GLN A 249 22.68 11.39 -19.78
C GLN A 249 23.45 12.02 -20.94
N ALA A 250 24.46 11.32 -21.45
CA ALA A 250 25.20 11.80 -22.62
C ALA A 250 24.31 11.82 -23.86
N GLU A 251 23.56 10.74 -24.07
CA GLU A 251 22.66 10.64 -25.22
C GLU A 251 21.54 11.66 -25.14
N HIS A 252 21.10 11.94 -23.92
CA HIS A 252 20.04 12.92 -23.72
C HIS A 252 20.54 14.31 -24.08
N ASN A 253 21.80 14.59 -23.76
CA ASN A 253 22.43 15.86 -24.13
C ASN A 253 22.94 15.79 -25.57
N SER A 254 22.46 14.79 -26.29
CA SER A 254 22.79 14.55 -27.70
C SER A 254 24.27 14.32 -27.90
#